data_2B3J
#
_entry.id   2B3J
#
_cell.length_a   81.055
_cell.length_b   89.029
_cell.length_c   119.133
_cell.angle_alpha   90.00
_cell.angle_beta   90.00
_cell.angle_gamma   90.00
#
_symmetry.space_group_name_H-M   'P 21 21 21'
#
loop_
_entity.id
_entity.type
_entity.pdbx_description
1 polymer 'anticodon stem-loop of t-RNA-Arg2 (nucleotides 27-42)'
2 polymer 'tRNA adenosine deaminase'
3 non-polymer 'ZINC ION'
4 non-polymer GLYCEROL
5 water water
#
loop_
_entity_poly.entity_id
_entity_poly.type
_entity_poly.pdbx_seq_one_letter_code
_entity_poly.pdbx_strand_id
1 'polyribonucleotide' UUUGACU(P5P)CGGAUCAA E,F,G,H
2 'polypeptide(L)'
;GSHMTNDIYFMTLAIEEAKKAAQLGEVPIGAIITKDDEVIARAHNLRETLQQPTAHAEHIAIERAAKVLGSWRLEGCTLY
VTLEPCVMCAGTIVMSRIPRVVYGADDPKGGCSGSLMNLLQQSNFNHRAIVDKGVLKEACSTLLTTFFKNLRANKKSTN
;
A,B,C,D
#
# COMPACT_ATOMS: atom_id res chain seq x y z
N MET E 4 -4.71 -19.70 2.27
CA MET E 4 -3.65 -19.77 1.23
C MET E 4 -3.95 -20.84 0.19
N THR E 5 -4.25 -22.06 0.66
CA THR E 5 -4.54 -23.15 -0.26
C THR E 5 -5.79 -22.80 -1.07
N ASN E 6 -6.75 -22.12 -0.45
CA ASN E 6 -7.95 -21.72 -1.16
C ASN E 6 -7.54 -20.76 -2.27
N ASP E 7 -6.62 -19.85 -1.95
CA ASP E 7 -6.13 -18.87 -2.89
C ASP E 7 -5.47 -19.50 -4.11
N ILE E 8 -4.71 -20.58 -3.89
CA ILE E 8 -4.03 -21.28 -4.97
C ILE E 8 -5.09 -21.94 -5.86
N TYR E 9 -6.12 -22.47 -5.22
CA TYR E 9 -7.20 -23.11 -5.95
C TYR E 9 -7.79 -22.16 -6.98
N PHE E 10 -8.21 -20.98 -6.53
CA PHE E 10 -8.80 -20.00 -7.43
C PHE E 10 -7.81 -19.38 -8.42
N MET E 11 -6.57 -19.17 -7.99
CA MET E 11 -5.60 -18.59 -8.90
C MET E 11 -5.33 -19.61 -10.01
N THR E 12 -5.48 -20.88 -9.68
CA THR E 12 -5.27 -21.95 -10.65
C THR E 12 -6.27 -21.78 -11.78
N LEU E 13 -7.51 -21.46 -11.42
CA LEU E 13 -8.56 -21.25 -12.41
C LEU E 13 -8.31 -19.96 -13.20
N ALA E 14 -7.67 -18.99 -12.57
CA ALA E 14 -7.37 -17.74 -13.26
C ALA E 14 -6.29 -17.99 -14.30
N ILE E 15 -5.33 -18.86 -13.97
CA ILE E 15 -4.24 -19.18 -14.88
C ILE E 15 -4.81 -19.95 -16.08
N GLU E 16 -5.74 -20.86 -15.81
CA GLU E 16 -6.37 -21.63 -16.86
C GLU E 16 -7.08 -20.65 -17.80
N GLU E 17 -7.70 -19.64 -17.21
CA GLU E 17 -8.40 -18.63 -17.99
C GLU E 17 -7.37 -17.82 -18.78
N ALA E 18 -6.25 -17.52 -18.13
CA ALA E 18 -5.16 -16.78 -18.77
C ALA E 18 -4.68 -17.54 -19.99
N LYS E 19 -4.63 -18.87 -19.88
CA LYS E 19 -4.18 -19.67 -21.00
C LYS E 19 -5.15 -19.60 -22.17
N LYS E 20 -6.44 -19.45 -21.86
CA LYS E 20 -7.45 -19.33 -22.91
C LYS E 20 -7.13 -18.09 -23.74
N ALA E 21 -6.82 -16.99 -23.05
CA ALA E 21 -6.49 -15.75 -23.74
C ALA E 21 -5.25 -15.95 -24.61
N ALA E 22 -4.30 -16.73 -24.11
CA ALA E 22 -3.08 -17.01 -24.86
C ALA E 22 -3.41 -17.68 -26.19
N GLN E 23 -4.27 -18.69 -26.14
CA GLN E 23 -4.66 -19.40 -27.35
C GLN E 23 -5.28 -18.47 -28.39
N LEU E 24 -5.77 -17.31 -27.95
CA LEU E 24 -6.39 -16.35 -28.85
C LEU E 24 -5.40 -15.31 -29.35
N GLY E 25 -4.18 -15.37 -28.85
CA GLY E 25 -3.17 -14.41 -29.26
C GLY E 25 -3.22 -13.16 -28.41
N GLU E 26 -3.92 -13.23 -27.28
CA GLU E 26 -4.04 -12.10 -26.36
C GLU E 26 -2.97 -12.21 -25.28
N VAL E 27 -2.60 -11.08 -24.67
CA VAL E 27 -1.62 -11.12 -23.59
C VAL E 27 -2.30 -12.06 -22.58
N PRO E 28 -1.60 -13.14 -22.18
CA PRO E 28 -2.14 -14.14 -21.24
C PRO E 28 -2.44 -13.70 -19.81
N ILE E 29 -3.61 -13.12 -19.61
CA ILE E 29 -4.05 -12.68 -18.29
C ILE E 29 -5.48 -13.20 -18.05
N GLY E 30 -5.70 -13.78 -16.87
CA GLY E 30 -7.02 -14.31 -16.55
C GLY E 30 -7.45 -13.86 -15.17
N ALA E 31 -8.75 -13.87 -14.93
CA ALA E 31 -9.30 -13.43 -13.65
C ALA E 31 -10.46 -14.30 -13.19
N ILE E 32 -10.64 -14.35 -11.88
CA ILE E 32 -11.70 -15.14 -11.26
C ILE E 32 -12.30 -14.31 -10.13
N ILE E 33 -13.62 -14.32 -9.99
CA ILE E 33 -14.25 -13.62 -8.88
C ILE E 33 -15.06 -14.63 -8.09
N THR E 34 -14.84 -14.66 -6.79
CA THR E 34 -15.54 -15.58 -5.89
C THR E 34 -16.41 -14.84 -4.88
N LYS E 35 -17.38 -15.57 -4.34
CA LYS E 35 -18.31 -15.05 -3.34
C LYS E 35 -18.77 -16.29 -2.57
N ASP E 36 -18.64 -16.27 -1.25
CA ASP E 36 -19.01 -17.42 -0.43
C ASP E 36 -18.19 -18.63 -0.87
N ASP E 37 -16.92 -18.38 -1.18
CA ASP E 37 -15.99 -19.43 -1.59
C ASP E 37 -16.43 -20.16 -2.86
N GLU E 38 -17.26 -19.51 -3.66
CA GLU E 38 -17.74 -20.10 -4.91
C GLU E 38 -17.45 -19.16 -6.07
N VAL E 39 -17.08 -19.73 -7.22
CA VAL E 39 -16.79 -18.91 -8.40
C VAL E 39 -18.08 -18.37 -8.98
N ILE E 40 -18.21 -17.05 -9.09
CA ILE E 40 -19.40 -16.46 -9.69
C ILE E 40 -19.08 -15.83 -11.05
N ALA E 41 -17.80 -15.67 -11.35
CA ALA E 41 -17.39 -15.10 -12.63
C ALA E 41 -15.92 -15.38 -12.94
N ARG E 42 -15.63 -15.50 -14.24
CA ARG E 42 -14.28 -15.73 -14.70
C ARG E 42 -14.15 -15.06 -16.06
N ALA E 43 -12.93 -14.71 -16.44
CA ALA E 43 -12.70 -14.06 -17.71
C ALA E 43 -11.23 -13.98 -18.06
N HIS E 44 -10.95 -13.67 -19.31
CA HIS E 44 -9.59 -13.52 -19.80
C HIS E 44 -9.55 -12.32 -20.73
N ASN E 45 -8.33 -11.84 -20.98
CA ASN E 45 -8.07 -10.71 -21.86
C ASN E 45 -8.75 -10.89 -23.24
N LEU E 46 -9.40 -9.84 -23.74
CA LEU E 46 -10.05 -9.89 -25.04
C LEU E 46 -9.89 -8.55 -25.79
N ARG E 47 -8.89 -7.77 -25.40
CA ARG E 47 -8.67 -6.47 -26.03
C ARG E 47 -8.49 -6.51 -27.54
N GLU E 48 -7.60 -7.37 -28.02
CA GLU E 48 -7.34 -7.46 -29.46
C GLU E 48 -8.50 -8.08 -30.22
N THR E 49 -9.13 -9.10 -29.63
CA THR E 49 -10.25 -9.78 -30.26
C THR E 49 -11.45 -8.86 -30.43
N LEU E 50 -11.81 -8.17 -29.35
CA LEU E 50 -12.96 -7.28 -29.39
C LEU E 50 -12.61 -5.85 -29.76
N GLN E 51 -11.33 -5.51 -29.68
CA GLN E 51 -10.90 -4.14 -29.96
C GLN E 51 -11.64 -3.19 -29.03
N GLN E 52 -11.62 -3.51 -27.74
CA GLN E 52 -12.24 -2.70 -26.71
C GLN E 52 -11.13 -2.42 -25.70
N PRO E 53 -10.89 -1.14 -25.39
CA PRO E 53 -9.84 -0.77 -24.42
C PRO E 53 -10.10 -1.22 -22.99
N THR E 54 -11.34 -1.59 -22.70
CA THR E 54 -11.72 -2.03 -21.36
C THR E 54 -11.72 -3.55 -21.22
N ALA E 55 -11.45 -4.26 -22.31
CA ALA E 55 -11.49 -5.73 -22.29
C ALA E 55 -10.41 -6.49 -21.51
N HIS E 56 -9.94 -5.91 -20.41
CA HIS E 56 -8.96 -6.60 -19.57
C HIS E 56 -9.68 -7.69 -18.77
N ALA E 57 -8.96 -8.73 -18.39
CA ALA E 57 -9.58 -9.84 -17.66
C ALA E 57 -10.41 -9.45 -16.44
N GLU E 58 -9.81 -8.77 -15.47
CA GLU E 58 -10.57 -8.43 -14.27
C GLU E 58 -11.76 -7.50 -14.52
N HIS E 59 -11.62 -6.60 -15.49
CA HIS E 59 -12.70 -5.68 -15.83
C HIS E 59 -13.90 -6.47 -16.36
N ILE E 60 -13.64 -7.44 -17.22
CA ILE E 60 -14.70 -8.28 -17.78
C ILE E 60 -15.33 -9.13 -16.68
N ALA E 61 -14.49 -9.69 -15.81
CA ALA E 61 -15.00 -10.52 -14.73
C ALA E 61 -15.89 -9.71 -13.79
N ILE E 62 -15.50 -8.46 -13.55
CA ILE E 62 -16.26 -7.58 -12.69
C ILE E 62 -17.64 -7.28 -13.26
N GLU E 63 -17.73 -7.02 -14.57
CA GLU E 63 -19.03 -6.76 -15.15
C GLU E 63 -19.88 -8.04 -15.14
N ARG E 64 -19.23 -9.18 -15.31
CA ARG E 64 -19.96 -10.46 -15.30
C ARG E 64 -20.45 -10.75 -13.88
N ALA E 65 -19.63 -10.40 -12.89
CA ALA E 65 -19.99 -10.60 -11.50
C ALA E 65 -21.18 -9.71 -11.17
N ALA E 66 -21.12 -8.46 -11.61
CA ALA E 66 -22.21 -7.51 -11.36
C ALA E 66 -23.51 -8.03 -11.95
N LYS E 67 -23.44 -8.59 -13.15
CA LYS E 67 -24.63 -9.12 -13.81
C LYS E 67 -25.26 -10.26 -12.99
N VAL E 68 -24.45 -11.19 -12.51
CA VAL E 68 -25.00 -12.29 -11.72
C VAL E 68 -25.60 -11.82 -10.40
N LEU E 69 -24.95 -10.86 -9.75
CA LEU E 69 -25.44 -10.34 -8.47
C LEU E 69 -26.57 -9.33 -8.64
N GLY E 70 -26.73 -8.84 -9.87
CA GLY E 70 -27.76 -7.85 -10.13
C GLY E 70 -27.52 -6.60 -9.31
N SER E 71 -26.25 -6.29 -9.06
CA SER E 71 -25.87 -5.11 -8.27
C SER E 71 -24.47 -4.63 -8.68
N TRP E 72 -24.23 -3.32 -8.61
CA TRP E 72 -22.90 -2.84 -8.98
C TRP E 72 -21.95 -2.91 -7.79
N ARG E 73 -22.50 -3.23 -6.62
CA ARG E 73 -21.71 -3.35 -5.40
C ARG E 73 -21.32 -4.82 -5.23
N LEU E 74 -20.04 -5.13 -5.40
CA LEU E 74 -19.59 -6.51 -5.29
C LEU E 74 -19.19 -6.90 -3.87
N GLU E 75 -20.11 -6.75 -2.92
CA GLU E 75 -19.83 -7.09 -1.52
C GLU E 75 -19.50 -8.57 -1.35
N GLY E 76 -18.57 -8.85 -0.44
CA GLY E 76 -18.18 -10.22 -0.15
C GLY E 76 -17.46 -10.94 -1.28
N CYS E 77 -17.09 -10.20 -2.32
CA CYS E 77 -16.39 -10.81 -3.44
C CYS E 77 -14.88 -10.69 -3.34
N THR E 78 -14.20 -11.69 -3.88
CA THR E 78 -12.74 -11.70 -3.90
C THR E 78 -12.34 -11.86 -5.36
N LEU E 79 -11.46 -10.96 -5.82
CA LEU E 79 -10.98 -11.02 -7.20
C LEU E 79 -9.59 -11.66 -7.22
N TYR E 80 -9.41 -12.59 -8.14
CA TYR E 80 -8.14 -13.28 -8.35
C TYR E 80 -7.74 -12.98 -9.79
N VAL E 81 -6.55 -12.42 -9.99
CA VAL E 81 -6.09 -12.12 -11.35
C VAL E 81 -4.62 -12.49 -11.45
N THR E 82 -4.21 -13.03 -12.60
CA THR E 82 -2.83 -13.47 -12.77
C THR E 82 -1.76 -12.38 -12.78
N LEU E 83 -2.18 -11.14 -13.01
CA LEU E 83 -1.24 -10.02 -13.01
C LEU E 83 -1.82 -8.83 -12.24
N GLU E 84 -0.93 -8.08 -11.60
CA GLU E 84 -1.31 -6.90 -10.84
C GLU E 84 -2.20 -5.98 -11.70
N PRO E 85 -3.37 -5.59 -11.17
CA PRO E 85 -4.29 -4.70 -11.91
C PRO E 85 -3.68 -3.36 -12.33
N CYS E 86 -3.99 -2.92 -13.55
CA CYS E 86 -3.51 -1.65 -14.09
C CYS E 86 -4.33 -0.51 -13.49
N VAL E 87 -4.07 0.71 -13.95
CA VAL E 87 -4.79 1.89 -13.44
C VAL E 87 -6.31 1.78 -13.64
N MET E 88 -6.72 1.35 -14.83
CA MET E 88 -8.14 1.21 -15.15
C MET E 88 -8.82 0.13 -14.29
N CYS E 89 -8.20 -1.04 -14.21
CA CYS E 89 -8.80 -2.11 -13.43
C CYS E 89 -8.79 -1.84 -11.93
N ALA E 90 -7.72 -1.23 -11.44
CA ALA E 90 -7.62 -0.90 -10.03
C ALA E 90 -8.79 0.04 -9.72
N GLY E 91 -8.98 1.03 -10.60
CA GLY E 91 -10.07 1.97 -10.42
C GLY E 91 -11.44 1.29 -10.47
N THR E 92 -11.58 0.32 -11.38
CA THR E 92 -12.84 -0.41 -11.51
C THR E 92 -13.09 -1.22 -10.24
N ILE E 93 -12.02 -1.77 -9.66
CA ILE E 93 -12.14 -2.52 -8.42
C ILE E 93 -12.66 -1.62 -7.31
N VAL E 94 -12.20 -0.38 -7.29
CA VAL E 94 -12.61 0.60 -6.29
C VAL E 94 -14.09 0.99 -6.48
N MET E 95 -14.49 1.20 -7.72
CA MET E 95 -15.85 1.59 -8.05
C MET E 95 -16.87 0.45 -7.90
N SER E 96 -16.40 -0.79 -7.83
CA SER E 96 -17.30 -1.93 -7.67
C SER E 96 -17.26 -2.40 -6.21
N ARG E 97 -16.41 -1.76 -5.42
CA ARG E 97 -16.26 -2.02 -3.99
C ARG E 97 -15.93 -3.45 -3.57
N ILE E 98 -15.02 -4.09 -4.31
CA ILE E 98 -14.57 -5.45 -4.00
C ILE E 98 -13.72 -5.36 -2.74
N PRO E 99 -14.03 -6.18 -1.72
CA PRO E 99 -13.29 -6.18 -0.44
C PRO E 99 -11.88 -6.77 -0.47
N ARG E 100 -11.61 -7.72 -1.35
CA ARG E 100 -10.28 -8.32 -1.40
C ARG E 100 -9.83 -8.66 -2.80
N VAL E 101 -8.55 -8.38 -3.06
CA VAL E 101 -7.95 -8.66 -4.34
C VAL E 101 -6.72 -9.52 -4.17
N VAL E 102 -6.60 -10.56 -4.98
CA VAL E 102 -5.45 -11.44 -4.92
C VAL E 102 -4.85 -11.51 -6.32
N TYR E 103 -3.61 -11.06 -6.48
CA TYR E 103 -2.99 -11.14 -7.80
C TYR E 103 -1.72 -11.98 -7.77
N GLY E 104 -1.35 -12.50 -8.94
CA GLY E 104 -0.17 -13.34 -9.02
C GLY E 104 1.11 -12.54 -9.20
N ALA E 105 1.47 -12.27 -10.45
CA ALA E 105 2.69 -11.53 -10.76
C ALA E 105 2.55 -10.02 -10.62
N ASP E 106 3.65 -9.36 -10.26
CA ASP E 106 3.67 -7.91 -10.15
C ASP E 106 3.85 -7.36 -11.56
N ASP E 107 3.44 -6.12 -11.77
CA ASP E 107 3.64 -5.46 -13.05
C ASP E 107 4.46 -4.21 -12.71
N PRO E 108 5.78 -4.29 -12.86
CA PRO E 108 6.70 -3.17 -12.57
C PRO E 108 6.52 -1.97 -13.49
N LYS E 109 5.99 -2.22 -14.69
CA LYS E 109 5.79 -1.18 -15.68
C LYS E 109 4.45 -0.44 -15.59
N GLY E 110 3.38 -1.15 -15.30
CA GLY E 110 2.08 -0.50 -15.21
C GLY E 110 1.20 -0.85 -14.02
N GLY E 111 1.70 -1.71 -13.12
CA GLY E 111 0.90 -2.10 -11.97
C GLY E 111 0.52 -0.95 -11.04
N CYS E 112 -0.77 -0.85 -10.74
CA CYS E 112 -1.25 0.21 -9.86
C CYS E 112 -1.91 -0.31 -8.59
N SER E 113 -1.50 -1.50 -8.17
CA SER E 113 -2.02 -2.10 -6.96
C SER E 113 -0.85 -2.42 -6.04
N GLY E 114 0.17 -1.57 -6.11
CA GLY E 114 1.37 -1.77 -5.30
C GLY E 114 2.68 -1.36 -5.96
N SER E 115 2.81 -1.54 -7.27
CA SER E 115 4.06 -1.21 -7.97
C SER E 115 4.30 0.28 -8.24
N LEU E 116 3.58 0.87 -9.20
CA LEU E 116 3.77 2.30 -9.47
C LEU E 116 3.03 3.11 -8.44
N MET E 117 2.00 2.50 -7.86
CA MET E 117 1.15 3.14 -6.87
C MET E 117 0.14 2.10 -6.43
N ASN E 118 -0.65 2.40 -5.40
CA ASN E 118 -1.66 1.46 -4.94
C ASN E 118 -3.00 2.17 -4.84
N LEU E 119 -3.75 2.14 -5.94
CA LEU E 119 -5.06 2.79 -5.99
C LEU E 119 -6.10 2.06 -5.16
N LEU E 120 -5.74 0.88 -4.65
CA LEU E 120 -6.66 0.09 -3.85
C LEU E 120 -6.52 0.41 -2.36
N GLN E 121 -5.55 1.25 -2.02
CA GLN E 121 -5.29 1.67 -0.64
C GLN E 121 -5.15 3.19 -0.60
N GLN E 122 -6.15 3.86 -1.15
CA GLN E 122 -6.16 5.32 -1.21
C GLN E 122 -7.00 5.91 -0.07
N SER E 123 -6.34 6.67 0.80
CA SER E 123 -7.01 7.29 1.93
C SER E 123 -8.13 8.23 1.51
N ASN E 124 -7.97 8.87 0.36
CA ASN E 124 -8.97 9.82 -0.13
C ASN E 124 -10.15 9.19 -0.90
N PHE E 125 -10.07 7.90 -1.18
CA PHE E 125 -11.15 7.22 -1.92
C PHE E 125 -12.20 6.71 -0.93
N ASN E 126 -13.42 6.49 -1.40
CA ASN E 126 -14.50 6.01 -0.53
C ASN E 126 -14.48 4.49 -0.37
N HIS E 127 -13.42 3.86 -0.89
CA HIS E 127 -13.29 2.41 -0.78
C HIS E 127 -11.85 1.92 -0.91
N ARG E 128 -11.51 0.97 -0.05
CA ARG E 128 -10.17 0.39 -0.05
C ARG E 128 -10.33 -1.12 0.09
N ALA E 129 -9.39 -1.85 -0.50
CA ALA E 129 -9.45 -3.30 -0.43
C ALA E 129 -8.16 -3.92 0.08
N ILE E 130 -8.30 -5.14 0.57
CA ILE E 130 -7.17 -5.92 1.05
C ILE E 130 -6.50 -6.41 -0.23
N VAL E 131 -5.18 -6.30 -0.30
CA VAL E 131 -4.45 -6.73 -1.48
C VAL E 131 -3.38 -7.76 -1.15
N ASP E 132 -3.52 -8.95 -1.71
CA ASP E 132 -2.53 -10.00 -1.49
C ASP E 132 -1.90 -10.30 -2.83
N LYS E 133 -0.58 -10.43 -2.85
CA LYS E 133 0.14 -10.69 -4.09
C LYS E 133 1.02 -11.94 -4.00
N GLY E 134 1.53 -12.36 -5.15
CA GLY E 134 2.43 -13.50 -5.19
C GLY E 134 1.87 -14.90 -5.40
N VAL E 135 0.55 -15.09 -5.34
CA VAL E 135 -0.01 -16.42 -5.51
C VAL E 135 0.28 -17.00 -6.91
N LEU E 136 1.02 -18.11 -6.94
CA LEU E 136 1.42 -18.78 -8.17
C LEU E 136 2.12 -17.77 -9.08
N LYS E 137 2.86 -16.88 -8.43
CA LYS E 137 3.62 -15.82 -9.07
C LYS E 137 4.40 -16.31 -10.28
N GLU E 138 5.17 -17.38 -10.10
CA GLU E 138 6.00 -17.95 -11.16
C GLU E 138 5.21 -18.34 -12.41
N ALA E 139 4.16 -19.12 -12.23
CA ALA E 139 3.33 -19.56 -13.34
C ALA E 139 2.68 -18.37 -14.07
N CYS E 140 2.23 -17.39 -13.32
CA CYS E 140 1.59 -16.20 -13.89
C CYS E 140 2.58 -15.39 -14.72
N SER E 141 3.78 -15.22 -14.17
CA SER E 141 4.83 -14.48 -14.84
C SER E 141 5.32 -15.17 -16.11
N THR E 142 5.57 -16.48 -16.04
CA THR E 142 6.03 -17.22 -17.21
C THR E 142 5.14 -17.03 -18.44
N LEU E 143 3.83 -17.17 -18.25
CA LEU E 143 2.90 -17.00 -19.36
C LEU E 143 3.22 -15.71 -20.12
N LEU E 144 3.42 -14.62 -19.39
CA LEU E 144 3.71 -13.32 -19.98
C LEU E 144 5.06 -13.30 -20.69
N THR E 145 6.09 -13.78 -19.99
CA THR E 145 7.44 -13.83 -20.54
C THR E 145 7.44 -14.62 -21.85
N THR E 146 6.73 -15.74 -21.86
CA THR E 146 6.65 -16.57 -23.05
C THR E 146 5.90 -15.85 -24.16
N PHE E 147 4.76 -15.26 -23.82
CA PHE E 147 3.94 -14.54 -24.79
C PHE E 147 4.73 -13.47 -25.53
N PHE E 148 5.39 -12.59 -24.78
CA PHE E 148 6.15 -11.50 -25.37
C PHE E 148 7.44 -11.93 -26.09
N LYS E 149 7.98 -13.09 -25.72
CA LYS E 149 9.18 -13.58 -26.37
C LYS E 149 8.76 -14.04 -27.77
N ASN E 150 7.67 -14.81 -27.82
CA ASN E 150 7.14 -15.32 -29.07
C ASN E 150 6.59 -14.18 -29.92
N LEU E 151 5.99 -13.19 -29.26
CA LEU E 151 5.42 -12.05 -29.98
C LEU E 151 6.52 -11.33 -30.76
N ARG E 152 7.66 -11.10 -30.11
CA ARG E 152 8.78 -10.43 -30.74
C ARG E 152 9.36 -11.29 -31.86
N ALA E 153 9.53 -12.58 -31.59
CA ALA E 153 10.06 -13.49 -32.60
C ALA E 153 9.06 -13.51 -33.75
N ASN E 154 7.78 -13.46 -33.40
CA ASN E 154 6.69 -13.45 -34.35
C ASN E 154 6.74 -12.18 -35.20
N MET F 4 -18.08 31.77 -28.99
CA MET F 4 -18.74 30.48 -29.37
C MET F 4 -17.70 29.54 -29.96
N THR F 5 -17.28 28.56 -29.16
CA THR F 5 -16.26 27.61 -29.61
C THR F 5 -16.77 26.18 -29.62
N ASN F 6 -16.03 25.31 -30.31
CA ASN F 6 -16.40 23.91 -30.39
C ASN F 6 -16.40 23.32 -28.98
N ASP F 7 -15.33 23.57 -28.23
CA ASP F 7 -15.24 23.06 -26.86
C ASP F 7 -16.52 23.36 -26.09
N ILE F 8 -16.99 24.61 -26.18
CA ILE F 8 -18.22 25.00 -25.49
C ILE F 8 -19.41 24.27 -26.09
N TYR F 9 -19.47 24.25 -27.42
CA TYR F 9 -20.56 23.57 -28.13
C TYR F 9 -20.69 22.11 -27.69
N PHE F 10 -19.60 21.37 -27.83
CA PHE F 10 -19.64 19.96 -27.43
C PHE F 10 -19.98 19.80 -25.95
N MET F 11 -19.52 20.70 -25.10
CA MET F 11 -19.84 20.58 -23.69
C MET F 11 -21.34 20.73 -23.46
N THR F 12 -22.00 21.59 -24.25
CA THR F 12 -23.44 21.75 -24.09
C THR F 12 -24.09 20.41 -24.43
N LEU F 13 -23.54 19.71 -25.42
CA LEU F 13 -24.06 18.42 -25.81
C LEU F 13 -23.84 17.40 -24.69
N ALA F 14 -22.77 17.58 -23.91
CA ALA F 14 -22.47 16.69 -22.81
C ALA F 14 -23.46 16.98 -21.68
N ILE F 15 -23.83 18.25 -21.54
CA ILE F 15 -24.77 18.66 -20.52
C ILE F 15 -26.15 18.09 -20.88
N GLU F 16 -26.43 17.99 -22.17
CA GLU F 16 -27.71 17.42 -22.61
C GLU F 16 -27.73 15.97 -22.14
N GLU F 17 -26.60 15.28 -22.27
CA GLU F 17 -26.52 13.89 -21.83
C GLU F 17 -26.70 13.82 -20.32
N ALA F 18 -26.08 14.75 -19.61
CA ALA F 18 -26.18 14.79 -18.15
C ALA F 18 -27.64 14.96 -17.75
N LYS F 19 -28.40 15.73 -18.52
CA LYS F 19 -29.81 15.94 -18.20
C LYS F 19 -30.63 14.67 -18.38
N LYS F 20 -30.29 13.87 -19.38
CA LYS F 20 -31.01 12.61 -19.60
C LYS F 20 -30.81 11.75 -18.36
N ALA F 21 -29.58 11.70 -17.87
CA ALA F 21 -29.25 10.91 -16.69
C ALA F 21 -30.10 11.38 -15.52
N ALA F 22 -30.26 12.69 -15.39
CA ALA F 22 -31.05 13.27 -14.32
C ALA F 22 -32.50 12.82 -14.45
N GLN F 23 -32.97 12.68 -15.69
CA GLN F 23 -34.34 12.26 -15.93
C GLN F 23 -34.54 10.79 -15.55
N LEU F 24 -33.46 10.02 -15.62
CA LEU F 24 -33.51 8.60 -15.27
C LEU F 24 -33.32 8.37 -13.78
N GLY F 25 -33.04 9.44 -13.05
CA GLY F 25 -32.82 9.32 -11.61
C GLY F 25 -31.37 9.01 -11.26
N GLU F 26 -30.47 9.21 -12.21
CA GLU F 26 -29.04 8.96 -12.00
C GLU F 26 -28.32 10.26 -11.71
N VAL F 27 -27.11 10.16 -11.17
CA VAL F 27 -26.32 11.35 -10.89
C VAL F 27 -26.13 11.98 -12.27
N PRO F 28 -26.53 13.25 -12.42
CA PRO F 28 -26.45 14.01 -13.68
C PRO F 28 -25.06 14.27 -14.26
N ILE F 29 -24.52 13.27 -14.95
CA ILE F 29 -23.21 13.41 -15.58
C ILE F 29 -23.27 12.88 -17.01
N GLY F 30 -22.80 13.69 -17.95
CA GLY F 30 -22.82 13.30 -19.35
C GLY F 30 -21.47 13.41 -20.03
N ALA F 31 -21.30 12.65 -21.12
CA ALA F 31 -20.04 12.65 -21.85
C ALA F 31 -20.26 12.60 -23.37
N ILE F 32 -19.31 13.19 -24.10
CA ILE F 32 -19.34 13.24 -25.55
C ILE F 32 -17.92 12.99 -26.06
N ILE F 33 -17.77 12.19 -27.11
CA ILE F 33 -16.44 11.96 -27.68
C ILE F 33 -16.45 12.39 -29.15
N THR F 34 -15.45 13.18 -29.54
CA THR F 34 -15.37 13.67 -30.92
C THR F 34 -14.07 13.27 -31.61
N LYS F 35 -14.10 13.35 -32.94
CA LYS F 35 -12.97 13.03 -33.79
C LYS F 35 -13.15 13.95 -35.00
N ASP F 36 -12.18 14.84 -35.24
CA ASP F 36 -12.28 15.78 -36.35
C ASP F 36 -13.44 16.74 -36.09
N ASP F 37 -13.70 17.04 -34.83
CA ASP F 37 -14.82 17.94 -34.50
C ASP F 37 -16.15 17.34 -34.96
N GLU F 38 -16.26 16.02 -34.91
CA GLU F 38 -17.48 15.31 -35.28
C GLU F 38 -17.84 14.34 -34.16
N VAL F 39 -19.02 14.50 -33.59
CA VAL F 39 -19.47 13.62 -32.51
C VAL F 39 -19.48 12.16 -32.97
N ILE F 40 -18.77 11.31 -32.26
CA ILE F 40 -18.74 9.89 -32.62
C ILE F 40 -19.42 9.03 -31.57
N ALA F 41 -19.66 9.60 -30.40
CA ALA F 41 -20.33 8.87 -29.33
C ALA F 41 -20.75 9.80 -28.21
N ARG F 42 -21.81 9.42 -27.52
CA ARG F 42 -22.29 10.21 -26.40
C ARG F 42 -22.93 9.27 -25.40
N ALA F 43 -22.92 9.67 -24.13
CA ALA F 43 -23.49 8.82 -23.10
C ALA F 43 -23.75 9.58 -21.82
N HIS F 44 -24.42 8.90 -20.89
CA HIS F 44 -24.74 9.46 -19.60
C HIS F 44 -24.69 8.35 -18.57
N ASN F 45 -24.65 8.74 -17.31
CA ASN F 45 -24.61 7.81 -16.19
C ASN F 45 -25.79 6.84 -16.24
N LEU F 46 -25.50 5.55 -16.07
CA LEU F 46 -26.52 4.49 -16.06
C LEU F 46 -26.21 3.43 -14.99
N ARG F 47 -25.39 3.80 -14.01
CA ARG F 47 -25.02 2.88 -12.94
C ARG F 47 -26.19 2.26 -12.21
N GLU F 48 -27.11 3.10 -11.75
CA GLU F 48 -28.28 2.62 -11.02
C GLU F 48 -29.24 1.84 -11.90
N THR F 49 -29.40 2.30 -13.15
CA THR F 49 -30.31 1.67 -14.09
C THR F 49 -29.86 0.26 -14.51
N LEU F 50 -28.58 0.10 -14.79
CA LEU F 50 -28.04 -1.19 -15.20
C LEU F 50 -27.35 -1.97 -14.08
N GLN F 51 -27.17 -1.32 -12.93
CA GLN F 51 -26.49 -1.95 -11.80
C GLN F 51 -25.14 -2.53 -12.26
N GLN F 52 -24.40 -1.69 -12.99
CA GLN F 52 -23.07 -2.03 -13.49
C GLN F 52 -22.14 -0.97 -12.90
N PRO F 53 -21.09 -1.40 -12.17
CA PRO F 53 -20.14 -0.46 -11.56
C PRO F 53 -19.37 0.42 -12.54
N THR F 54 -19.27 -0.03 -13.79
CA THR F 54 -18.52 0.70 -14.81
C THR F 54 -19.36 1.66 -15.63
N ALA F 55 -20.66 1.69 -15.37
CA ALA F 55 -21.57 2.51 -16.14
C ALA F 55 -21.51 4.04 -16.00
N HIS F 56 -20.31 4.59 -15.80
CA HIS F 56 -20.15 6.03 -15.73
C HIS F 56 -20.20 6.55 -17.17
N ALA F 57 -20.58 7.82 -17.35
CA ALA F 57 -20.69 8.42 -18.68
C ALA F 57 -19.46 8.25 -19.58
N GLU F 58 -18.29 8.66 -19.10
CA GLU F 58 -17.08 8.56 -19.91
C GLU F 58 -16.82 7.14 -20.37
N HIS F 59 -16.93 6.20 -19.42
CA HIS F 59 -16.69 4.78 -19.68
C HIS F 59 -17.59 4.26 -20.79
N ILE F 60 -18.87 4.60 -20.71
CA ILE F 60 -19.81 4.14 -21.73
C ILE F 60 -19.46 4.78 -23.07
N ALA F 61 -19.15 6.07 -23.07
CA ALA F 61 -18.81 6.76 -24.31
C ALA F 61 -17.58 6.14 -24.95
N ILE F 62 -16.57 5.86 -24.15
CA ILE F 62 -15.33 5.26 -24.65
C ILE F 62 -15.58 3.93 -25.37
N GLU F 63 -16.36 3.05 -24.77
CA GLU F 63 -16.64 1.77 -25.41
C GLU F 63 -17.46 1.96 -26.67
N ARG F 64 -18.34 2.95 -26.69
CA ARG F 64 -19.16 3.21 -27.87
C ARG F 64 -18.29 3.74 -29.02
N ALA F 65 -17.34 4.59 -28.68
CA ALA F 65 -16.44 5.15 -29.68
C ALA F 65 -15.53 4.07 -30.23
N ALA F 66 -15.10 3.15 -29.35
CA ALA F 66 -14.22 2.07 -29.77
C ALA F 66 -14.93 1.19 -30.78
N LYS F 67 -16.23 0.97 -30.58
CA LYS F 67 -17.00 0.14 -31.50
C LYS F 67 -17.14 0.87 -32.85
N VAL F 68 -17.42 2.17 -32.80
CA VAL F 68 -17.58 2.96 -34.01
C VAL F 68 -16.29 3.00 -34.83
N LEU F 69 -15.16 3.17 -34.15
CA LEU F 69 -13.86 3.26 -34.81
C LEU F 69 -13.24 1.90 -35.16
N GLY F 70 -13.79 0.84 -34.60
CA GLY F 70 -13.24 -0.48 -34.86
C GLY F 70 -11.90 -0.75 -34.21
N SER F 71 -11.58 -0.04 -33.13
CA SER F 71 -10.31 -0.28 -32.45
C SER F 71 -10.31 0.24 -31.02
N TRP F 72 -9.52 -0.39 -30.15
CA TRP F 72 -9.46 0.05 -28.76
C TRP F 72 -8.63 1.33 -28.59
N ARG F 73 -7.90 1.72 -29.63
CA ARG F 73 -7.09 2.93 -29.61
C ARG F 73 -7.91 4.11 -30.14
N LEU F 74 -8.28 5.05 -29.27
CA LEU F 74 -9.07 6.20 -29.70
C LEU F 74 -8.17 7.38 -30.08
N GLU F 75 -7.29 7.14 -31.04
CA GLU F 75 -6.37 8.18 -31.50
C GLU F 75 -7.11 9.35 -32.11
N GLY F 76 -6.62 10.55 -31.86
CA GLY F 76 -7.23 11.75 -32.40
C GLY F 76 -8.59 12.10 -31.83
N CYS F 77 -9.00 11.44 -30.76
CA CYS F 77 -10.30 11.75 -30.17
C CYS F 77 -10.22 12.69 -28.99
N THR F 78 -11.31 13.39 -28.74
CA THR F 78 -11.40 14.32 -27.64
C THR F 78 -12.61 13.92 -26.82
N LEU F 79 -12.44 13.89 -25.50
CA LEU F 79 -13.51 13.53 -24.60
C LEU F 79 -14.00 14.74 -23.85
N TYR F 80 -15.31 14.96 -23.89
CA TYR F 80 -15.95 16.06 -23.18
C TYR F 80 -16.83 15.43 -22.10
N VAL F 81 -16.64 15.83 -20.85
CA VAL F 81 -17.44 15.28 -19.76
C VAL F 81 -17.76 16.39 -18.77
N THR F 82 -18.98 16.39 -18.28
CA THR F 82 -19.43 17.43 -17.35
C THR F 82 -18.72 17.46 -16.00
N LEU F 83 -18.22 16.32 -15.56
CA LEU F 83 -17.52 16.24 -14.28
C LEU F 83 -16.14 15.61 -14.44
N GLU F 84 -15.20 16.03 -13.59
CA GLU F 84 -13.84 15.53 -13.61
C GLU F 84 -13.84 14.00 -13.46
N PRO F 85 -13.20 13.29 -14.38
CA PRO F 85 -13.16 11.81 -14.32
C PRO F 85 -12.61 11.21 -13.03
N CYS F 86 -13.29 10.17 -12.57
CA CYS F 86 -12.90 9.46 -11.36
C CYS F 86 -11.72 8.55 -11.66
N VAL F 87 -11.26 7.82 -10.65
CA VAL F 87 -10.13 6.91 -10.80
C VAL F 87 -10.35 5.91 -11.93
N MET F 88 -11.54 5.34 -12.00
CA MET F 88 -11.87 4.36 -13.03
C MET F 88 -11.87 4.95 -14.45
N CYS F 89 -12.59 6.06 -14.63
CA CYS F 89 -12.66 6.68 -15.94
C CYS F 89 -11.32 7.27 -16.38
N ALA F 90 -10.58 7.84 -15.43
CA ALA F 90 -9.28 8.40 -15.74
C ALA F 90 -8.42 7.26 -16.30
N GLY F 91 -8.46 6.11 -15.63
CA GLY F 91 -7.69 4.96 -16.07
C GLY F 91 -8.15 4.45 -17.42
N THR F 92 -9.46 4.51 -17.67
CA THR F 92 -10.01 4.06 -18.93
C THR F 92 -9.53 4.97 -20.06
N ILE F 93 -9.39 6.26 -19.75
CA ILE F 93 -8.92 7.25 -20.72
C ILE F 93 -7.48 6.91 -21.09
N VAL F 94 -6.71 6.50 -20.08
CA VAL F 94 -5.32 6.13 -20.27
C VAL F 94 -5.19 4.88 -21.14
N MET F 95 -6.03 3.88 -20.88
CA MET F 95 -5.98 2.63 -21.62
C MET F 95 -6.53 2.67 -23.04
N SER F 96 -7.33 3.68 -23.35
CA SER F 96 -7.89 3.82 -24.69
C SER F 96 -7.09 4.88 -25.43
N ARG F 97 -6.10 5.42 -24.73
CA ARG F 97 -5.18 6.42 -25.25
C ARG F 97 -5.78 7.67 -25.87
N ILE F 98 -6.81 8.21 -25.24
CA ILE F 98 -7.45 9.44 -25.70
C ILE F 98 -6.44 10.56 -25.45
N PRO F 99 -6.11 11.33 -26.50
CA PRO F 99 -5.16 12.44 -26.41
C PRO F 99 -5.62 13.71 -25.68
N ARG F 100 -6.93 13.95 -25.66
CA ARG F 100 -7.41 15.15 -25.00
C ARG F 100 -8.70 14.94 -24.23
N VAL F 101 -8.76 15.57 -23.06
CA VAL F 101 -9.93 15.50 -22.20
C VAL F 101 -10.30 16.90 -21.75
N VAL F 102 -11.55 17.27 -21.99
CA VAL F 102 -12.07 18.58 -21.59
C VAL F 102 -13.21 18.29 -20.63
N TYR F 103 -13.14 18.80 -19.41
CA TYR F 103 -14.23 18.54 -18.48
C TYR F 103 -14.76 19.81 -17.86
N GLY F 104 -15.94 19.71 -17.25
CA GLY F 104 -16.58 20.86 -16.65
C GLY F 104 -16.19 21.15 -15.22
N ALA F 105 -17.01 20.67 -14.29
CA ALA F 105 -16.77 20.90 -12.88
C ALA F 105 -15.72 19.96 -12.31
N ASP F 106 -14.99 20.46 -11.31
CA ASP F 106 -13.98 19.68 -10.63
C ASP F 106 -14.70 18.81 -9.61
N ASP F 107 -14.04 17.74 -9.16
CA ASP F 107 -14.61 16.87 -8.14
C ASP F 107 -13.54 16.78 -7.07
N PRO F 108 -13.65 17.63 -6.04
CA PRO F 108 -12.69 17.66 -4.93
C PRO F 108 -12.72 16.41 -4.07
N LYS F 109 -13.80 15.63 -4.20
CA LYS F 109 -13.94 14.41 -3.41
C LYS F 109 -13.42 13.15 -4.10
N GLY F 110 -13.66 13.01 -5.41
CA GLY F 110 -13.19 11.83 -6.10
C GLY F 110 -12.47 12.05 -7.43
N GLY F 111 -12.27 13.31 -7.82
CA GLY F 111 -11.61 13.61 -9.07
C GLY F 111 -10.16 13.16 -9.17
N CYS F 112 -9.84 12.44 -10.23
CA CYS F 112 -8.48 11.94 -10.43
C CYS F 112 -7.87 12.48 -11.72
N SER F 113 -8.30 13.68 -12.11
CA SER F 113 -7.81 14.32 -13.31
C SER F 113 -7.33 15.72 -12.94
N GLY F 114 -6.86 15.87 -11.69
CA GLY F 114 -6.40 17.16 -11.24
C GLY F 114 -6.61 17.45 -9.75
N SER F 115 -7.70 16.92 -9.18
CA SER F 115 -7.99 17.16 -7.77
C SER F 115 -7.20 16.29 -6.77
N LEU F 116 -7.63 15.05 -6.56
CA LEU F 116 -6.94 14.15 -5.64
C LEU F 116 -5.60 13.72 -6.20
N MET F 117 -5.53 13.70 -7.53
CA MET F 117 -4.34 13.28 -8.25
C MET F 117 -4.67 13.49 -9.73
N ASN F 118 -3.68 13.32 -10.60
CA ASN F 118 -3.93 13.47 -12.04
C ASN F 118 -3.37 12.24 -12.72
N LEU F 119 -4.21 11.22 -12.86
CA LEU F 119 -3.81 9.98 -13.49
C LEU F 119 -3.63 10.17 -15.01
N LEU F 120 -4.04 11.32 -15.51
CA LEU F 120 -3.90 11.61 -16.94
C LEU F 120 -2.54 12.29 -17.23
N GLN F 121 -1.77 12.53 -16.18
CA GLN F 121 -0.45 13.16 -16.30
C GLN F 121 0.60 12.42 -15.48
N GLN F 122 0.71 11.11 -15.70
CA GLN F 122 1.67 10.26 -14.98
C GLN F 122 2.86 9.96 -15.88
N SER F 123 4.06 10.31 -15.42
CA SER F 123 5.26 10.05 -16.22
C SER F 123 5.56 8.56 -16.34
N ASN F 124 5.10 7.77 -15.37
CA ASN F 124 5.33 6.34 -15.38
C ASN F 124 4.34 5.55 -16.26
N PHE F 125 3.27 6.20 -16.71
CA PHE F 125 2.30 5.55 -17.57
C PHE F 125 2.77 5.64 -19.03
N ASN F 126 2.25 4.77 -19.90
CA ASN F 126 2.66 4.79 -21.31
C ASN F 126 1.81 5.76 -22.12
N HIS F 127 0.99 6.55 -21.44
CA HIS F 127 0.14 7.51 -22.11
C HIS F 127 -0.29 8.63 -21.16
N ARG F 128 -0.32 9.85 -21.70
CA ARG F 128 -0.73 11.02 -20.93
C ARG F 128 -1.67 11.79 -21.86
N ALA F 129 -2.61 12.52 -21.29
CA ALA F 129 -3.54 13.28 -22.11
C ALA F 129 -3.60 14.75 -21.73
N ILE F 130 -3.85 15.60 -22.72
CA ILE F 130 -4.00 17.02 -22.49
C ILE F 130 -5.28 17.13 -21.65
N VAL F 131 -5.25 17.93 -20.60
CA VAL F 131 -6.42 18.09 -19.73
C VAL F 131 -6.87 19.54 -19.57
N ASP F 132 -8.07 19.86 -20.04
CA ASP F 132 -8.60 21.21 -19.89
C ASP F 132 -9.84 21.15 -19.00
N LYS F 133 -9.93 22.04 -18.01
CA LYS F 133 -11.08 22.04 -17.11
C LYS F 133 -11.86 23.35 -17.12
N GLY F 134 -12.94 23.38 -16.34
CA GLY F 134 -13.75 24.58 -16.24
C GLY F 134 -14.79 24.92 -17.29
N VAL F 135 -14.70 24.31 -18.48
CA VAL F 135 -15.65 24.59 -19.55
C VAL F 135 -17.11 24.39 -19.12
N LEU F 136 -17.82 25.51 -18.96
CA LEU F 136 -19.22 25.52 -18.51
C LEU F 136 -19.37 24.82 -17.16
N LYS F 137 -18.35 24.95 -16.32
CA LYS F 137 -18.37 24.30 -15.01
C LYS F 137 -19.54 24.73 -14.15
N GLU F 138 -19.92 26.00 -14.22
CA GLU F 138 -21.04 26.51 -13.44
C GLU F 138 -22.29 25.67 -13.70
N ALA F 139 -22.67 25.54 -14.96
CA ALA F 139 -23.84 24.75 -15.32
C ALA F 139 -23.67 23.26 -14.98
N CYS F 140 -22.48 22.72 -15.25
CA CYS F 140 -22.22 21.32 -14.96
C CYS F 140 -22.37 21.07 -13.46
N SER F 141 -21.78 21.96 -12.66
CA SER F 141 -21.83 21.87 -11.21
C SER F 141 -23.24 22.02 -10.66
N THR F 142 -24.03 22.92 -11.25
CA THR F 142 -25.40 23.15 -10.79
C THR F 142 -26.23 21.86 -10.86
N LEU F 143 -26.07 21.11 -11.93
CA LEU F 143 -26.80 19.86 -12.10
C LEU F 143 -26.56 18.90 -10.92
N LEU F 144 -25.32 18.81 -10.47
CA LEU F 144 -24.99 17.92 -9.35
C LEU F 144 -25.60 18.38 -8.02
N THR F 145 -25.35 19.64 -7.67
CA THR F 145 -25.88 20.19 -6.43
C THR F 145 -27.40 20.13 -6.36
N THR F 146 -28.05 20.35 -7.51
CA THR F 146 -29.51 20.28 -7.56
C THR F 146 -29.93 18.84 -7.29
N PHE F 147 -29.33 17.92 -8.02
CA PHE F 147 -29.63 16.51 -7.88
C PHE F 147 -29.52 16.04 -6.45
N PHE F 148 -28.39 16.29 -5.80
CA PHE F 148 -28.21 15.83 -4.43
C PHE F 148 -29.13 16.51 -3.44
N LYS F 149 -29.47 17.77 -3.72
CA LYS F 149 -30.38 18.52 -2.86
C LYS F 149 -31.71 17.77 -2.83
N ASN F 150 -32.19 17.43 -4.02
CA ASN F 150 -33.45 16.69 -4.15
C ASN F 150 -33.35 15.28 -3.62
N LEU F 151 -32.20 14.63 -3.85
CA LEU F 151 -32.00 13.27 -3.38
C LEU F 151 -32.21 13.24 -1.86
N ARG F 152 -31.53 14.14 -1.17
CA ARG F 152 -31.61 14.23 0.27
C ARG F 152 -33.01 14.60 0.76
N ALA F 153 -33.59 15.65 0.20
CA ALA F 153 -34.92 16.09 0.59
C ALA F 153 -35.90 14.91 0.54
N ASN F 154 -35.86 14.17 -0.56
CA ASN F 154 -36.73 13.00 -0.74
C ASN F 154 -36.38 11.89 0.25
N MET G 4 3.75 17.65 -4.56
CA MET G 4 4.82 16.65 -4.88
C MET G 4 6.18 17.33 -4.99
N THR G 5 6.16 18.66 -5.11
CA THR G 5 7.41 19.41 -5.18
C THR G 5 7.99 19.33 -3.77
N ASN G 6 7.12 19.46 -2.79
CA ASN G 6 7.47 19.39 -1.39
C ASN G 6 8.11 18.03 -1.08
N ASP G 7 7.54 16.96 -1.62
CA ASP G 7 8.09 15.62 -1.38
C ASP G 7 9.52 15.55 -1.90
N ILE G 8 9.75 16.10 -3.08
CA ILE G 8 11.09 16.10 -3.68
C ILE G 8 12.05 16.95 -2.86
N TYR G 9 11.55 18.05 -2.31
CA TYR G 9 12.37 18.94 -1.49
C TYR G 9 12.88 18.15 -0.29
N PHE G 10 11.97 17.52 0.43
CA PHE G 10 12.34 16.73 1.60
C PHE G 10 13.14 15.47 1.29
N MET G 11 12.82 14.79 0.19
CA MET G 11 13.57 13.58 -0.13
C MET G 11 15.00 13.98 -0.46
N THR G 12 15.17 15.19 -0.99
CA THR G 12 16.51 15.68 -1.32
C THR G 12 17.31 15.79 -0.03
N LEU G 13 16.69 16.32 1.02
CA LEU G 13 17.36 16.46 2.30
C LEU G 13 17.70 15.08 2.88
N ALA G 14 16.86 14.08 2.59
CA ALA G 14 17.09 12.73 3.09
C ALA G 14 18.26 12.10 2.35
N ILE G 15 18.38 12.40 1.06
CA ILE G 15 19.47 11.89 0.26
C ILE G 15 20.77 12.51 0.78
N GLU G 16 20.71 13.80 1.12
CA GLU G 16 21.90 14.45 1.66
C GLU G 16 22.31 13.74 2.95
N GLU G 17 21.33 13.27 3.71
CA GLU G 17 21.65 12.55 4.95
C GLU G 17 22.33 11.23 4.57
N ALA G 18 21.81 10.57 3.54
CA ALA G 18 22.39 9.30 3.09
C ALA G 18 23.86 9.52 2.75
N LYS G 19 24.16 10.65 2.12
CA LYS G 19 25.54 10.97 1.76
C LYS G 19 26.44 11.10 2.97
N LYS G 20 25.89 11.58 4.08
CA LYS G 20 26.69 11.73 5.29
C LYS G 20 27.07 10.33 5.81
N ALA G 21 26.16 9.37 5.69
CA ALA G 21 26.42 8.02 6.14
C ALA G 21 27.55 7.45 5.30
N ALA G 22 27.47 7.67 3.99
CA ALA G 22 28.49 7.20 3.07
C ALA G 22 29.87 7.72 3.49
N GLN G 23 29.94 9.02 3.80
CA GLN G 23 31.18 9.67 4.23
C GLN G 23 31.78 9.00 5.47
N LEU G 24 30.95 8.22 6.17
CA LEU G 24 31.37 7.51 7.37
C LEU G 24 31.66 6.05 7.06
N GLY G 25 31.32 5.62 5.85
CA GLY G 25 31.54 4.24 5.46
C GLY G 25 30.32 3.36 5.72
N GLU G 26 29.19 3.99 6.02
CA GLU G 26 27.94 3.26 6.28
C GLU G 26 27.14 3.11 4.99
N VAL G 27 26.32 2.07 4.89
CA VAL G 27 25.47 1.90 3.72
C VAL G 27 24.71 3.23 3.70
N PRO G 28 24.71 3.93 2.55
CA PRO G 28 24.06 5.22 2.36
C PRO G 28 22.54 5.24 2.42
N ILE G 29 21.98 5.50 3.60
CA ILE G 29 20.53 5.59 3.76
C ILE G 29 20.25 6.79 4.68
N GLY G 30 19.34 7.66 4.25
CA GLY G 30 19.01 8.83 5.05
C GLY G 30 17.51 8.99 5.25
N ALA G 31 17.13 9.80 6.24
CA ALA G 31 15.72 10.03 6.55
C ALA G 31 15.42 11.44 7.07
N ILE G 32 14.17 11.87 6.86
CA ILE G 32 13.70 13.17 7.29
C ILE G 32 12.25 13.05 7.77
N ILE G 33 11.92 13.73 8.87
CA ILE G 33 10.54 13.73 9.38
C ILE G 33 10.04 15.17 9.44
N THR G 34 8.85 15.41 8.89
CA THR G 34 8.29 16.76 8.89
C THR G 34 6.96 16.80 9.64
N LYS G 35 6.61 18.00 10.07
CA LYS G 35 5.35 18.26 10.77
C LYS G 35 4.98 19.69 10.39
N ASP G 36 3.77 19.88 9.88
CA ASP G 36 3.35 21.22 9.46
C ASP G 36 4.31 21.75 8.40
N ASP G 37 4.73 20.86 7.50
CA ASP G 37 5.63 21.21 6.41
C ASP G 37 7.00 21.74 6.85
N GLU G 38 7.39 21.41 8.08
CA GLU G 38 8.70 21.86 8.59
C GLU G 38 9.49 20.65 9.10
N VAL G 39 10.79 20.63 8.81
CA VAL G 39 11.63 19.53 9.26
C VAL G 39 11.79 19.58 10.78
N ILE G 40 11.57 18.44 11.44
CA ILE G 40 11.73 18.41 12.89
C ILE G 40 12.78 17.37 13.31
N ALA G 41 13.20 16.54 12.36
CA ALA G 41 14.22 15.54 12.64
C ALA G 41 14.91 15.06 11.37
N ARG G 42 16.19 14.73 11.48
CA ARG G 42 16.98 14.25 10.36
C ARG G 42 17.93 13.20 10.90
N ALA G 43 18.24 12.20 10.11
CA ALA G 43 19.15 11.15 10.54
C ALA G 43 19.58 10.28 9.36
N HIS G 44 20.60 9.46 9.58
CA HIS G 44 21.10 8.56 8.54
C HIS G 44 21.66 7.32 9.23
N ASN G 45 21.85 6.26 8.44
CA ASN G 45 22.39 4.99 8.92
C ASN G 45 23.64 5.20 9.77
N LEU G 46 23.70 4.54 10.92
CA LEU G 46 24.85 4.64 11.80
C LEU G 46 25.08 3.32 12.51
N ARG G 47 24.59 2.24 11.91
CA ARG G 47 24.73 0.93 12.54
C ARG G 47 26.18 0.55 12.85
N GLU G 48 27.07 0.65 11.86
CA GLU G 48 28.47 0.29 12.09
C GLU G 48 29.18 1.29 13.01
N THR G 49 28.81 2.57 12.89
CA THR G 49 29.41 3.61 13.71
C THR G 49 29.06 3.49 15.19
N LEU G 50 27.79 3.19 15.49
CA LEU G 50 27.36 3.07 16.88
C LEU G 50 27.28 1.64 17.38
N GLN G 51 27.39 0.67 16.47
CA GLN G 51 27.29 -0.73 16.82
C GLN G 51 25.99 -1.04 17.57
N GLN G 52 24.90 -0.45 17.08
CA GLN G 52 23.56 -0.66 17.62
C GLN G 52 22.72 -1.18 16.46
N PRO G 53 22.02 -2.30 16.66
CA PRO G 53 21.20 -2.87 15.59
C PRO G 53 20.03 -1.98 15.19
N THR G 54 19.71 -1.03 16.06
CA THR G 54 18.58 -0.12 15.84
C THR G 54 18.97 1.18 15.12
N ALA G 55 20.26 1.42 14.97
CA ALA G 55 20.73 2.66 14.35
C ALA G 55 20.43 2.86 12.85
N HIS G 56 19.18 2.63 12.46
CA HIS G 56 18.78 2.86 11.08
C HIS G 56 18.24 4.29 10.99
N ALA G 57 18.38 4.91 9.82
CA ALA G 57 17.94 6.29 9.61
C ALA G 57 16.54 6.59 10.14
N GLU G 58 15.54 5.81 9.73
CA GLU G 58 14.17 6.04 10.16
C GLU G 58 14.01 5.93 11.66
N HIS G 59 14.63 4.91 12.23
CA HIS G 59 14.54 4.66 13.66
C HIS G 59 15.13 5.82 14.47
N ILE G 60 16.31 6.27 14.07
CA ILE G 60 16.95 7.37 14.76
C ILE G 60 16.12 8.64 14.59
N ALA G 61 15.59 8.84 13.39
CA ALA G 61 14.79 10.03 13.14
C ALA G 61 13.50 10.02 13.96
N ILE G 62 12.93 8.83 14.15
CA ILE G 62 11.70 8.69 14.92
C ILE G 62 11.92 9.05 16.40
N GLU G 63 13.00 8.53 16.98
CA GLU G 63 13.31 8.84 18.37
C GLU G 63 13.60 10.33 18.52
N ARG G 64 14.26 10.92 17.52
CA ARG G 64 14.54 12.35 17.59
C ARG G 64 13.25 13.18 17.50
N ALA G 65 12.34 12.76 16.62
CA ALA G 65 11.07 13.47 16.48
C ALA G 65 10.26 13.36 17.78
N ALA G 66 10.30 12.18 18.41
CA ALA G 66 9.57 11.96 19.66
C ALA G 66 10.08 12.88 20.76
N LYS G 67 11.39 13.10 20.79
CA LYS G 67 11.98 13.97 21.80
C LYS G 67 11.53 15.41 21.56
N VAL G 68 11.47 15.82 20.30
CA VAL G 68 11.04 17.16 19.95
C VAL G 68 9.59 17.43 20.35
N LEU G 69 8.73 16.46 20.12
CA LEU G 69 7.32 16.59 20.42
C LEU G 69 6.95 16.22 21.86
N GLY G 70 7.88 15.62 22.59
CA GLY G 70 7.59 15.21 23.95
C GLY G 70 6.45 14.21 23.98
N SER G 71 6.35 13.40 22.93
CA SER G 71 5.29 12.39 22.81
C SER G 71 5.73 11.18 21.98
N TRP G 72 5.32 9.97 22.38
CA TRP G 72 5.69 8.79 21.61
C TRP G 72 4.76 8.64 20.40
N ARG G 73 3.76 9.50 20.34
CA ARG G 73 2.80 9.51 19.24
C ARG G 73 3.20 10.60 18.26
N LEU G 74 3.65 10.22 17.07
CA LEU G 74 4.07 11.18 16.06
C LEU G 74 2.93 11.61 15.14
N GLU G 75 1.87 12.16 15.74
CA GLU G 75 0.72 12.61 14.97
C GLU G 75 1.07 13.76 14.03
N GLY G 76 0.45 13.75 12.85
CA GLY G 76 0.69 14.79 11.87
C GLY G 76 2.07 14.80 11.23
N CYS G 77 2.88 13.78 11.53
CA CYS G 77 4.23 13.71 10.97
C CYS G 77 4.33 12.88 9.70
N THR G 78 5.26 13.27 8.83
CA THR G 78 5.49 12.55 7.59
C THR G 78 6.96 12.13 7.56
N LEU G 79 7.18 10.84 7.30
CA LEU G 79 8.54 10.31 7.24
C LEU G 79 9.03 10.13 5.81
N TYR G 80 10.22 10.66 5.54
CA TYR G 80 10.86 10.55 4.22
C TYR G 80 12.11 9.71 4.44
N VAL G 81 12.28 8.65 3.65
CA VAL G 81 13.45 7.80 3.77
C VAL G 81 13.87 7.38 2.36
N THR G 82 15.18 7.32 2.10
CA THR G 82 15.68 7.00 0.77
C THR G 82 15.51 5.55 0.34
N LEU G 83 15.29 4.66 1.31
CA LEU G 83 15.08 3.24 1.01
C LEU G 83 13.88 2.71 1.79
N GLU G 84 13.14 1.79 1.18
CA GLU G 84 11.97 1.18 1.80
C GLU G 84 12.33 0.63 3.19
N PRO G 85 11.55 1.00 4.21
CA PRO G 85 11.78 0.55 5.60
C PRO G 85 11.82 -0.96 5.76
N CYS G 86 12.75 -1.43 6.59
CA CYS G 86 12.90 -2.87 6.86
C CYS G 86 11.84 -3.29 7.88
N VAL G 87 11.89 -4.55 8.27
CA VAL G 87 10.93 -5.10 9.22
C VAL G 87 10.93 -4.31 10.53
N MET G 88 12.12 -4.02 11.05
CA MET G 88 12.24 -3.28 12.31
C MET G 88 11.70 -1.84 12.19
N CYS G 89 12.10 -1.14 11.15
CA CYS G 89 11.64 0.24 11.00
C CYS G 89 10.17 0.35 10.63
N ALA G 90 9.66 -0.59 9.85
CA ALA G 90 8.25 -0.59 9.49
C ALA G 90 7.47 -0.76 10.81
N GLY G 91 7.94 -1.65 11.67
CA GLY G 91 7.30 -1.86 12.96
C GLY G 91 7.35 -0.61 13.82
N THR G 92 8.49 0.08 13.82
CA THR G 92 8.67 1.30 14.62
C THR G 92 7.75 2.42 14.14
N ILE G 93 7.52 2.48 12.83
CA ILE G 93 6.62 3.48 12.23
C ILE G 93 5.19 3.20 12.72
N VAL G 94 4.84 1.93 12.82
CA VAL G 94 3.52 1.54 13.30
C VAL G 94 3.34 1.90 14.78
N MET G 95 4.37 1.66 15.59
CA MET G 95 4.30 1.93 17.02
C MET G 95 4.38 3.41 17.38
N SER G 96 4.85 4.23 16.45
CA SER G 96 4.96 5.66 16.69
C SER G 96 3.79 6.36 16.02
N ARG G 97 2.96 5.56 15.36
CA ARG G 97 1.77 6.03 14.67
C ARG G 97 1.94 7.15 13.66
N ILE G 98 3.02 7.10 12.88
CA ILE G 98 3.25 8.09 11.84
C ILE G 98 2.15 7.89 10.79
N PRO G 99 1.45 8.97 10.42
CA PRO G 99 0.36 8.86 9.42
C PRO G 99 0.79 8.75 7.95
N ARG G 100 2.01 9.17 7.64
CA ARG G 100 2.46 9.10 6.26
C ARG G 100 3.95 8.82 6.08
N VAL G 101 4.24 7.86 5.20
CA VAL G 101 5.61 7.46 4.90
C VAL G 101 5.86 7.61 3.40
N VAL G 102 6.95 8.29 3.06
CA VAL G 102 7.34 8.51 1.67
C VAL G 102 8.74 7.94 1.49
N TYR G 103 8.89 6.94 0.63
CA TYR G 103 10.23 6.42 0.43
C TYR G 103 10.65 6.44 -1.04
N GLY G 104 11.95 6.45 -1.27
CA GLY G 104 12.48 6.49 -2.62
C GLY G 104 12.55 5.17 -3.37
N ALA G 105 13.61 4.40 -3.11
CA ALA G 105 13.80 3.12 -3.78
C ALA G 105 13.17 1.95 -3.03
N ASP G 106 12.72 0.95 -3.78
CA ASP G 106 12.16 -0.26 -3.16
C ASP G 106 13.33 -1.09 -2.70
N ASP G 107 13.06 -2.00 -1.77
CA ASP G 107 14.07 -2.92 -1.30
C ASP G 107 13.43 -4.30 -1.52
N PRO G 108 13.71 -4.93 -2.69
CA PRO G 108 13.19 -6.24 -3.07
C PRO G 108 13.58 -7.39 -2.15
N LYS G 109 14.75 -7.25 -1.52
CA LYS G 109 15.24 -8.30 -0.64
C LYS G 109 14.78 -8.20 0.81
N GLY G 110 14.70 -6.98 1.35
CA GLY G 110 14.30 -6.87 2.74
C GLY G 110 13.22 -5.84 3.05
N GLY G 111 12.67 -5.20 2.03
CA GLY G 111 11.65 -4.19 2.27
C GLY G 111 10.38 -4.75 2.88
N CYS G 112 9.89 -4.13 3.94
CA CYS G 112 8.65 -4.59 4.57
C CYS G 112 7.57 -3.51 4.57
N SER G 113 7.65 -2.63 3.58
CA SER G 113 6.66 -1.57 3.45
C SER G 113 6.11 -1.64 2.04
N GLY G 114 5.95 -2.86 1.52
CA GLY G 114 5.42 -3.03 0.17
C GLY G 114 6.03 -4.18 -0.62
N SER G 115 7.31 -4.47 -0.42
CA SER G 115 7.99 -5.53 -1.18
C SER G 115 7.76 -6.94 -0.69
N LEU G 116 8.41 -7.32 0.41
CA LEU G 116 8.23 -8.67 0.95
C LEU G 116 6.86 -8.78 1.60
N MET G 117 6.40 -7.65 2.13
CA MET G 117 5.12 -7.55 2.81
C MET G 117 4.96 -6.06 3.07
N ASN G 118 3.81 -5.64 3.59
CA ASN G 118 3.58 -4.25 3.92
C ASN G 118 3.00 -4.15 5.33
N LEU G 119 3.90 -4.03 6.30
CA LEU G 119 3.53 -3.94 7.70
C LEU G 119 2.89 -2.59 8.05
N LEU G 120 2.91 -1.66 7.10
CA LEU G 120 2.32 -0.35 7.31
C LEU G 120 0.84 -0.33 6.93
N GLN G 121 0.38 -1.43 6.35
CA GLN G 121 -1.02 -1.56 5.93
C GLN G 121 -1.60 -2.90 6.37
N GLN G 122 -1.45 -3.21 7.66
CA GLN G 122 -1.94 -4.46 8.24
C GLN G 122 -3.30 -4.24 8.90
N SER G 123 -4.35 -4.84 8.36
CA SER G 123 -5.68 -4.67 8.92
C SER G 123 -5.78 -5.11 10.38
N ASN G 124 -4.92 -6.03 10.81
CA ASN G 124 -4.95 -6.51 12.19
C ASN G 124 -4.20 -5.62 13.16
N PHE G 125 -3.46 -4.64 12.64
CA PHE G 125 -2.69 -3.71 13.48
C PHE G 125 -3.57 -2.52 13.87
N ASN G 126 -3.25 -1.89 15.00
CA ASN G 126 -4.04 -0.75 15.46
C ASN G 126 -3.66 0.55 14.77
N HIS G 127 -2.76 0.45 13.79
CA HIS G 127 -2.34 1.63 13.04
C HIS G 127 -1.82 1.31 11.64
N ARG G 128 -2.28 2.08 10.66
CA ARG G 128 -1.84 1.90 9.28
C ARG G 128 -1.46 3.29 8.80
N ALA G 129 -0.49 3.34 7.90
CA ALA G 129 -0.05 4.61 7.38
C ALA G 129 -0.22 4.71 5.88
N ILE G 130 -0.22 5.95 5.38
CA ILE G 130 -0.30 6.21 3.97
C ILE G 130 1.13 5.91 3.50
N VAL G 131 1.26 5.19 2.40
CA VAL G 131 2.58 4.85 1.89
C VAL G 131 2.74 5.29 0.44
N ASP G 132 3.65 6.23 0.21
CA ASP G 132 3.94 6.72 -1.13
C ASP G 132 5.39 6.36 -1.43
N LYS G 133 5.61 5.72 -2.58
CA LYS G 133 6.93 5.29 -3.00
C LYS G 133 7.38 5.93 -4.30
N GLY G 134 8.67 5.80 -4.61
CA GLY G 134 9.18 6.32 -5.85
C GLY G 134 9.66 7.75 -5.96
N VAL G 135 9.67 8.51 -4.88
CA VAL G 135 10.14 9.89 -4.96
C VAL G 135 11.66 9.89 -5.08
N LEU G 136 12.17 10.47 -6.17
CA LEU G 136 13.61 10.50 -6.42
C LEU G 136 14.15 9.06 -6.43
N LYS G 137 13.35 8.16 -6.97
CA LYS G 137 13.71 6.75 -7.01
C LYS G 137 15.06 6.44 -7.65
N GLU G 138 15.33 7.05 -8.81
CA GLU G 138 16.60 6.81 -9.51
C GLU G 138 17.79 7.23 -8.68
N ALA G 139 17.76 8.43 -8.12
CA ALA G 139 18.85 8.91 -7.30
C ALA G 139 19.06 8.04 -6.06
N CYS G 140 17.96 7.67 -5.39
CA CYS G 140 18.03 6.83 -4.19
C CYS G 140 18.60 5.47 -4.50
N SER G 141 18.15 4.88 -5.60
CA SER G 141 18.62 3.57 -6.02
C SER G 141 20.10 3.62 -6.43
N THR G 142 20.45 4.65 -7.20
CA THR G 142 21.83 4.82 -7.66
C THR G 142 22.82 4.91 -6.49
N LEU G 143 22.37 5.48 -5.38
CA LEU G 143 23.19 5.60 -4.18
C LEU G 143 23.72 4.24 -3.70
N LEU G 144 22.80 3.29 -3.54
CA LEU G 144 23.14 1.94 -3.08
C LEU G 144 23.96 1.16 -4.09
N THR G 145 23.51 1.15 -5.33
CA THR G 145 24.21 0.44 -6.39
C THR G 145 25.65 0.93 -6.49
N THR G 146 25.82 2.25 -6.61
CA THR G 146 27.15 2.84 -6.72
C THR G 146 27.99 2.48 -5.50
N PHE G 147 27.37 2.50 -4.32
CA PHE G 147 28.06 2.20 -3.08
C PHE G 147 28.70 0.81 -3.09
N PHE G 148 27.89 -0.21 -3.35
CA PHE G 148 28.40 -1.58 -3.36
C PHE G 148 29.32 -1.86 -4.54
N LYS G 149 29.10 -1.21 -5.67
CA LYS G 149 29.96 -1.41 -6.83
C LYS G 149 31.36 -0.95 -6.42
N ASN G 150 31.42 0.15 -5.68
CA ASN G 150 32.71 0.68 -5.22
C ASN G 150 33.38 -0.24 -4.22
N LEU G 151 32.60 -0.80 -3.31
CA LEU G 151 33.14 -1.72 -2.31
C LEU G 151 33.84 -2.88 -3.01
N ARG G 152 33.08 -3.59 -3.84
CA ARG G 152 33.61 -4.73 -4.58
C ARG G 152 34.86 -4.34 -5.34
N ALA G 153 34.77 -3.23 -6.07
CA ALA G 153 35.88 -2.75 -6.87
C ALA G 153 37.16 -2.59 -6.05
N ASN G 154 37.01 -2.08 -4.83
CA ASN G 154 38.14 -1.85 -3.95
C ASN G 154 38.58 -3.09 -3.18
N LYS G 155 38.17 -4.26 -3.64
CA LYS G 155 38.59 -5.48 -2.96
C LYS G 155 39.15 -6.51 -3.93
N ASN H 6 16.32 -23.67 34.03
CA ASN H 6 17.14 -22.46 33.70
C ASN H 6 16.29 -21.38 33.04
N ASP H 7 15.55 -21.76 32.00
CA ASP H 7 14.70 -20.81 31.29
C ASP H 7 13.59 -20.29 32.19
N ILE H 8 13.18 -21.10 33.17
CA ILE H 8 12.14 -20.68 34.09
C ILE H 8 12.69 -19.62 35.04
N TYR H 9 13.98 -19.74 35.36
CA TYR H 9 14.64 -18.79 36.25
C TYR H 9 14.77 -17.42 35.59
N PHE H 10 15.35 -17.41 34.39
CA PHE H 10 15.53 -16.14 33.67
C PHE H 10 14.20 -15.43 33.45
N MET H 11 13.16 -16.19 33.12
CA MET H 11 11.86 -15.59 32.91
C MET H 11 11.39 -14.97 34.22
N THR H 12 11.86 -15.52 35.34
CA THR H 12 11.51 -15.02 36.66
C THR H 12 12.04 -13.60 36.80
N LEU H 13 13.26 -13.38 36.35
CA LEU H 13 13.88 -12.06 36.42
C LEU H 13 13.10 -11.12 35.49
N ALA H 14 12.58 -11.67 34.40
CA ALA H 14 11.80 -10.90 33.44
C ALA H 14 10.52 -10.39 34.11
N ILE H 15 9.88 -11.26 34.89
CA ILE H 15 8.66 -10.89 35.61
C ILE H 15 9.02 -9.83 36.64
N GLU H 16 10.26 -9.89 37.13
CA GLU H 16 10.73 -8.93 38.12
C GLU H 16 10.79 -7.55 37.47
N GLU H 17 11.22 -7.53 36.21
CA GLU H 17 11.30 -6.29 35.44
C GLU H 17 9.89 -5.79 35.13
N ALA H 18 9.00 -6.72 34.79
CA ALA H 18 7.62 -6.38 34.47
C ALA H 18 6.96 -5.68 35.67
N LYS H 19 7.34 -6.09 36.87
CA LYS H 19 6.80 -5.48 38.08
C LYS H 19 7.38 -4.10 38.29
N LYS H 20 8.60 -3.87 37.79
CA LYS H 20 9.20 -2.55 37.92
C LYS H 20 8.41 -1.60 37.02
N ALA H 21 7.96 -2.10 35.87
CA ALA H 21 7.18 -1.29 34.94
C ALA H 21 5.81 -0.99 35.55
N ALA H 22 5.25 -1.98 36.23
CA ALA H 22 3.94 -1.82 36.86
C ALA H 22 3.99 -0.71 37.91
N GLN H 23 4.98 -0.77 38.78
CA GLN H 23 5.13 0.23 39.84
C GLN H 23 5.43 1.61 39.27
N LEU H 24 5.54 1.68 37.94
CA LEU H 24 5.83 2.93 37.25
C LEU H 24 4.60 3.39 36.46
N GLY H 25 3.56 2.56 36.47
CA GLY H 25 2.33 2.89 35.75
C GLY H 25 2.41 2.52 34.28
N GLU H 26 3.36 1.65 33.94
CA GLU H 26 3.56 1.21 32.56
C GLU H 26 2.97 -0.18 32.35
N VAL H 27 2.50 -0.48 31.14
CA VAL H 27 1.96 -1.79 30.87
C VAL H 27 3.05 -2.76 31.36
N PRO H 28 2.70 -3.64 32.31
CA PRO H 28 3.58 -4.63 32.94
C PRO H 28 4.27 -5.62 32.00
N ILE H 29 5.43 -5.25 31.48
CA ILE H 29 6.17 -6.13 30.58
C ILE H 29 7.67 -5.96 30.79
N GLY H 30 8.36 -7.08 30.98
CA GLY H 30 9.79 -7.05 31.21
C GLY H 30 10.58 -8.02 30.35
N ALA H 31 11.87 -7.74 30.21
CA ALA H 31 12.74 -8.58 29.39
C ALA H 31 14.11 -8.76 30.02
N ILE H 32 14.72 -9.88 29.68
CA ILE H 32 16.05 -10.24 30.16
C ILE H 32 16.80 -10.86 28.99
N ILE H 33 18.06 -10.47 28.82
CA ILE H 33 18.88 -11.06 27.77
C ILE H 33 20.04 -11.74 28.46
N THR H 34 20.29 -12.99 28.10
CA THR H 34 21.38 -13.76 28.70
C THR H 34 22.38 -14.22 27.66
N LYS H 35 23.56 -14.58 28.14
CA LYS H 35 24.64 -15.10 27.32
C LYS H 35 25.54 -15.90 28.24
N ASP H 36 25.78 -17.15 27.87
CA ASP H 36 26.63 -18.03 28.67
C ASP H 36 26.01 -18.16 30.06
N ASP H 37 24.72 -18.47 30.10
CA ASP H 37 24.00 -18.65 31.34
C ASP H 37 24.23 -17.46 32.27
N GLU H 38 24.53 -16.30 31.69
CA GLU H 38 24.77 -15.10 32.47
C GLU H 38 23.95 -13.92 31.95
N VAL H 39 23.21 -13.26 32.84
CA VAL H 39 22.40 -12.11 32.45
C VAL H 39 23.31 -10.95 32.05
N ILE H 40 23.16 -10.46 30.83
CA ILE H 40 23.98 -9.36 30.36
C ILE H 40 23.17 -8.09 30.14
N ALA H 41 21.86 -8.17 30.33
CA ALA H 41 21.00 -7.01 30.15
C ALA H 41 19.57 -7.27 30.56
N ARG H 42 18.95 -6.28 31.20
CA ARG H 42 17.57 -6.39 31.63
C ARG H 42 16.89 -5.06 31.38
N ALA H 43 15.57 -5.08 31.21
CA ALA H 43 14.84 -3.85 30.95
C ALA H 43 13.33 -4.07 31.09
N HIS H 44 12.58 -2.98 31.09
CA HIS H 44 11.14 -3.05 31.22
C HIS H 44 10.50 -1.87 30.52
N ASN H 45 9.24 -2.00 30.14
CA ASN H 45 8.47 -0.95 29.45
C ASN H 45 8.71 0.45 30.09
N LEU H 46 8.94 1.42 29.23
CA LEU H 46 9.18 2.80 29.64
C LEU H 46 8.58 3.78 28.64
N ARG H 47 7.66 3.32 27.80
CA ARG H 47 7.06 4.18 26.78
C ARG H 47 6.40 5.44 27.34
N GLU H 48 5.62 5.29 28.40
CA GLU H 48 4.93 6.44 28.99
C GLU H 48 5.91 7.34 29.74
N THR H 49 6.81 6.73 30.51
CA THR H 49 7.79 7.48 31.29
C THR H 49 8.73 8.31 30.43
N LEU H 50 9.23 7.72 29.33
CA LEU H 50 10.15 8.44 28.44
C LEU H 50 9.49 9.09 27.22
N GLN H 51 8.24 8.73 26.98
CA GLN H 51 7.51 9.24 25.81
C GLN H 51 8.27 8.91 24.53
N GLN H 52 8.76 7.67 24.45
CA GLN H 52 9.49 7.16 23.28
C GLN H 52 8.73 5.96 22.73
N PRO H 53 8.37 5.99 21.43
CA PRO H 53 7.62 4.87 20.82
C PRO H 53 8.35 3.54 20.83
N THR H 54 9.68 3.59 20.94
CA THR H 54 10.49 2.40 20.92
C THR H 54 10.80 1.83 22.30
N ALA H 55 10.34 2.50 23.34
CA ALA H 55 10.64 2.06 24.71
C ALA H 55 10.02 0.78 25.22
N HIS H 56 9.85 -0.21 24.35
CA HIS H 56 9.33 -1.51 24.77
C HIS H 56 10.46 -2.28 25.45
N ALA H 57 10.12 -3.18 26.35
CA ALA H 57 11.10 -3.95 27.09
C ALA H 57 12.20 -4.59 26.25
N GLU H 58 11.81 -5.42 25.29
CA GLU H 58 12.78 -6.10 24.43
C GLU H 58 13.70 -5.12 23.74
N HIS H 59 13.11 -4.04 23.22
CA HIS H 59 13.87 -3.03 22.49
C HIS H 59 14.95 -2.41 23.37
N ILE H 60 14.59 -1.97 24.56
CA ILE H 60 15.56 -1.38 25.47
C ILE H 60 16.63 -2.42 25.83
N ALA H 61 16.18 -3.63 26.18
CA ALA H 61 17.09 -4.70 26.55
C ALA H 61 18.10 -4.96 25.44
N ILE H 62 17.63 -4.99 24.21
CA ILE H 62 18.51 -5.24 23.08
C ILE H 62 19.59 -4.17 22.93
N GLU H 63 19.24 -2.89 23.04
CA GLU H 63 20.24 -1.83 22.90
C GLU H 63 21.28 -1.89 24.04
N ARG H 64 20.85 -2.29 25.22
CA ARG H 64 21.76 -2.40 26.36
C ARG H 64 22.71 -3.57 26.14
N ALA H 65 22.18 -4.65 25.57
CA ALA H 65 22.99 -5.83 25.28
C ALA H 65 24.05 -5.49 24.24
N ALA H 66 23.66 -4.73 23.23
CA ALA H 66 24.59 -4.31 22.17
C ALA H 66 25.71 -3.48 22.76
N LYS H 67 25.36 -2.66 23.75
CA LYS H 67 26.35 -1.80 24.40
C LYS H 67 27.34 -2.67 25.16
N VAL H 68 26.84 -3.66 25.88
CA VAL H 68 27.67 -4.58 26.65
C VAL H 68 28.62 -5.36 25.76
N LEU H 69 28.11 -5.90 24.66
CA LEU H 69 28.91 -6.69 23.74
C LEU H 69 29.73 -5.84 22.78
N GLY H 70 29.44 -4.55 22.72
CA GLY H 70 30.15 -3.68 21.81
C GLY H 70 29.89 -4.05 20.36
N SER H 71 28.78 -4.72 20.12
CA SER H 71 28.41 -5.15 18.76
C SER H 71 26.91 -5.07 18.56
N TRP H 72 26.49 -4.84 17.32
CA TRP H 72 25.06 -4.77 17.05
C TRP H 72 24.50 -6.19 16.87
N ARG H 73 25.39 -7.17 16.69
CA ARG H 73 24.97 -8.55 16.53
C ARG H 73 24.94 -9.25 17.88
N LEU H 74 23.76 -9.59 18.36
CA LEU H 74 23.64 -10.25 19.64
C LEU H 74 23.78 -11.77 19.53
N GLU H 75 24.91 -12.19 18.95
CA GLU H 75 25.23 -13.59 18.77
C GLU H 75 25.36 -14.33 20.09
N GLY H 76 24.81 -15.55 20.13
CA GLY H 76 24.88 -16.36 21.33
C GLY H 76 23.98 -15.86 22.45
N CYS H 77 23.12 -14.91 22.15
CA CYS H 77 22.23 -14.37 23.17
C CYS H 77 20.85 -14.98 23.15
N THR H 78 20.21 -15.02 24.32
CA THR H 78 18.86 -15.53 24.43
C THR H 78 18.01 -14.45 25.08
N LEU H 79 16.85 -14.18 24.49
CA LEU H 79 15.93 -13.17 24.99
C LEU H 79 14.74 -13.77 25.72
N TYR H 80 14.45 -13.23 26.89
CA TYR H 80 13.33 -13.66 27.69
C TYR H 80 12.46 -12.42 27.83
N VAL H 81 11.18 -12.55 27.48
CA VAL H 81 10.27 -11.44 27.58
C VAL H 81 8.92 -11.98 28.03
N THR H 82 8.28 -11.29 28.95
CA THR H 82 7.01 -11.73 29.51
C THR H 82 5.84 -11.76 28.54
N LEU H 83 5.92 -10.98 27.46
CA LEU H 83 4.84 -10.96 26.49
C LEU H 83 5.37 -11.17 25.07
N GLU H 84 4.54 -11.78 24.22
CA GLU H 84 4.90 -12.03 22.83
C GLU H 84 5.31 -10.72 22.15
N PRO H 85 6.53 -10.67 21.61
CA PRO H 85 7.02 -9.45 20.95
C PRO H 85 6.15 -8.91 19.80
N CYS H 86 5.95 -7.59 19.80
CA CYS H 86 5.14 -6.90 18.80
C CYS H 86 5.88 -6.82 17.45
N VAL H 87 5.26 -6.13 16.49
CA VAL H 87 5.85 -6.01 15.16
C VAL H 87 7.22 -5.34 15.23
N MET H 88 7.32 -4.28 16.02
CA MET H 88 8.58 -3.54 16.18
C MET H 88 9.67 -4.36 16.88
N CYS H 89 9.36 -4.97 18.01
CA CYS H 89 10.36 -5.76 18.72
C CYS H 89 10.74 -7.02 17.93
N ALA H 90 9.78 -7.62 17.25
CA ALA H 90 10.09 -8.82 16.45
C ALA H 90 11.09 -8.39 15.36
N GLY H 91 10.83 -7.25 14.75
CA GLY H 91 11.71 -6.73 13.72
C GLY H 91 13.10 -6.46 14.28
N THR H 92 13.15 -5.88 15.48
CA THR H 92 14.42 -5.57 16.12
C THR H 92 15.21 -6.83 16.48
N ILE H 93 14.51 -7.87 16.91
CA ILE H 93 15.17 -9.13 17.23
C ILE H 93 15.79 -9.72 15.97
N VAL H 94 15.12 -9.54 14.84
CA VAL H 94 15.63 -10.05 13.58
C VAL H 94 16.88 -9.28 13.18
N MET H 95 16.82 -7.95 13.28
CA MET H 95 17.95 -7.11 12.91
C MET H 95 19.13 -7.20 13.87
N SER H 96 18.89 -7.73 15.08
CA SER H 96 19.95 -7.90 16.06
C SER H 96 20.52 -9.32 16.04
N ARG H 97 19.89 -10.19 15.24
CA ARG H 97 20.35 -11.57 15.08
C ARG H 97 20.29 -12.44 16.32
N ILE H 98 19.32 -12.19 17.20
CA ILE H 98 19.21 -13.01 18.40
C ILE H 98 18.81 -14.42 17.94
N PRO H 99 19.55 -15.46 18.38
CA PRO H 99 19.25 -16.84 17.98
C PRO H 99 18.06 -17.50 18.66
N ARG H 100 17.73 -17.05 19.87
CA ARG H 100 16.61 -17.67 20.56
C ARG H 100 15.79 -16.68 21.38
N VAL H 101 14.47 -16.82 21.29
CA VAL H 101 13.55 -15.96 22.03
C VAL H 101 12.61 -16.81 22.86
N VAL H 102 12.45 -16.45 24.12
CA VAL H 102 11.56 -17.16 25.03
C VAL H 102 10.56 -16.16 25.60
N TYR H 103 9.27 -16.37 25.39
CA TYR H 103 8.31 -15.44 25.93
C TYR H 103 7.20 -16.12 26.73
N GLY H 104 6.55 -15.36 27.60
CA GLY H 104 5.51 -15.91 28.43
C GLY H 104 4.13 -15.93 27.80
N ALA H 105 3.36 -14.87 28.04
CA ALA H 105 2.02 -14.78 27.48
C ALA H 105 2.10 -14.40 26.00
N ASP H 106 1.14 -14.88 25.21
CA ASP H 106 1.12 -14.54 23.81
C ASP H 106 0.15 -13.37 23.68
N ASP H 107 0.28 -12.62 22.58
CA ASP H 107 -0.57 -11.45 22.34
C ASP H 107 -1.42 -11.68 21.08
N PRO H 108 -2.69 -12.08 21.25
CA PRO H 108 -3.59 -12.34 20.12
C PRO H 108 -3.97 -11.07 19.37
N LYS H 109 -3.80 -9.94 20.03
CA LYS H 109 -4.15 -8.66 19.43
C LYS H 109 -3.01 -8.06 18.59
N GLY H 110 -1.79 -8.10 19.11
CA GLY H 110 -0.67 -7.53 18.37
C GLY H 110 0.59 -8.38 18.31
N GLY H 111 0.54 -9.60 18.81
CA GLY H 111 1.71 -10.46 18.80
C GLY H 111 2.16 -10.78 17.38
N CYS H 112 3.47 -10.66 17.12
CA CYS H 112 4.01 -10.93 15.80
C CYS H 112 5.13 -11.97 15.86
N SER H 113 5.09 -12.82 16.87
CA SER H 113 6.08 -13.86 17.03
C SER H 113 5.33 -15.19 17.15
N GLY H 114 4.25 -15.31 16.36
CA GLY H 114 3.46 -16.53 16.41
C GLY H 114 1.95 -16.33 16.36
N SER H 115 1.46 -15.21 16.89
CA SER H 115 0.02 -14.96 16.89
C SER H 115 -0.55 -14.42 15.59
N LEU H 116 -0.34 -13.13 15.30
CA LEU H 116 -0.84 -12.57 14.05
C LEU H 116 0.01 -13.05 12.89
N MET H 117 1.26 -13.35 13.19
CA MET H 117 2.24 -13.79 12.20
C MET H 117 3.48 -14.13 13.02
N ASN H 118 4.55 -14.56 12.36
CA ASN H 118 5.78 -14.86 13.08
C ASN H 118 6.97 -14.28 12.33
N LEU H 119 7.23 -13.00 12.55
CA LEU H 119 8.33 -12.32 11.91
C LEU H 119 9.70 -12.88 12.29
N LEU H 120 9.73 -13.67 13.35
CA LEU H 120 10.97 -14.28 13.84
C LEU H 120 11.33 -15.56 13.10
N GLN H 121 10.46 -16.01 12.20
CA GLN H 121 10.72 -17.23 11.44
C GLN H 121 10.26 -17.10 10.00
N GLN H 122 10.73 -16.05 9.34
CA GLN H 122 10.40 -15.77 7.94
C GLN H 122 11.48 -16.34 7.02
N SER H 123 11.10 -17.21 6.09
CA SER H 123 12.06 -17.81 5.16
C SER H 123 12.71 -16.76 4.24
N ASN H 124 12.00 -15.65 4.02
CA ASN H 124 12.49 -14.59 3.15
C ASN H 124 13.37 -13.56 3.86
N PHE H 125 13.58 -13.74 5.16
CA PHE H 125 14.42 -12.83 5.96
C PHE H 125 15.82 -13.46 6.07
N ASN H 126 16.83 -12.65 6.36
CA ASN H 126 18.18 -13.19 6.50
C ASN H 126 18.47 -13.75 7.90
N HIS H 127 17.46 -13.81 8.74
CA HIS H 127 17.65 -14.33 10.09
C HIS H 127 16.35 -14.83 10.72
N ARG H 128 16.44 -15.96 11.41
CA ARG H 128 15.29 -16.53 12.08
C ARG H 128 15.76 -16.94 13.47
N ALA H 129 14.83 -16.97 14.42
CA ALA H 129 15.20 -17.36 15.77
C ALA H 129 14.29 -18.46 16.30
N ILE H 130 14.82 -19.22 17.24
CA ILE H 130 14.07 -20.27 17.89
C ILE H 130 13.09 -19.49 18.77
N VAL H 131 11.82 -19.88 18.76
CA VAL H 131 10.82 -19.21 19.57
C VAL H 131 10.15 -20.21 20.50
N ASP H 132 10.32 -20.01 21.80
CA ASP H 132 9.70 -20.86 22.81
C ASP H 132 8.69 -20.02 23.57
N LYS H 133 7.44 -20.47 23.59
CA LYS H 133 6.37 -19.72 24.25
C LYS H 133 5.81 -20.40 25.49
N GLY H 134 4.91 -19.69 26.17
CA GLY H 134 4.26 -20.23 27.35
C GLY H 134 4.98 -20.25 28.69
N VAL H 135 6.29 -20.07 28.68
CA VAL H 135 7.05 -20.08 29.93
C VAL H 135 6.44 -19.11 30.94
N LEU H 136 5.98 -19.64 32.07
CA LEU H 136 5.36 -18.82 33.12
C LEU H 136 4.24 -17.96 32.55
N LYS H 137 3.60 -18.46 31.49
CA LYS H 137 2.53 -17.75 30.83
C LYS H 137 1.47 -17.23 31.79
N GLU H 138 1.04 -18.09 32.71
CA GLU H 138 0.01 -17.74 33.68
C GLU H 138 0.34 -16.45 34.43
N ALA H 139 1.53 -16.38 35.01
CA ALA H 139 1.94 -15.19 35.76
C ALA H 139 2.02 -13.94 34.86
N CYS H 140 2.72 -14.07 33.74
CA CYS H 140 2.88 -12.96 32.80
C CYS H 140 1.53 -12.38 32.38
N SER H 141 0.58 -13.25 32.09
CA SER H 141 -0.74 -12.82 31.65
C SER H 141 -1.53 -12.11 32.76
N THR H 142 -1.42 -12.62 33.98
CA THR H 142 -2.15 -12.03 35.10
C THR H 142 -1.78 -10.56 35.28
N LEU H 143 -0.47 -10.29 35.22
CA LEU H 143 0.03 -8.92 35.37
C LEU H 143 -0.66 -7.97 34.41
N LEU H 144 -0.83 -8.40 33.16
CA LEU H 144 -1.48 -7.58 32.15
C LEU H 144 -2.97 -7.40 32.41
N THR H 145 -3.63 -8.47 32.83
CA THR H 145 -5.06 -8.40 33.09
C THR H 145 -5.34 -7.43 34.23
N THR H 146 -4.58 -7.56 35.30
CA THR H 146 -4.75 -6.69 36.46
C THR H 146 -4.64 -5.21 36.06
N PHE H 147 -3.62 -4.90 35.27
CA PHE H 147 -3.35 -3.55 34.82
C PHE H 147 -4.49 -2.85 34.07
N PHE H 148 -4.92 -3.44 32.97
CA PHE H 148 -5.98 -2.83 32.19
C PHE H 148 -7.30 -2.75 32.94
N LYS H 149 -7.47 -3.62 33.93
CA LYS H 149 -8.67 -3.62 34.74
C LYS H 149 -8.73 -2.31 35.56
N ASN H 150 -7.68 -2.07 36.34
CA ASN H 150 -7.58 -0.87 37.16
C ASN H 150 -7.69 0.40 36.31
N LEU H 151 -7.06 0.37 35.14
CA LEU H 151 -7.04 1.51 34.24
C LEU H 151 -8.42 1.92 33.69
N ARG H 152 -9.16 0.95 33.18
CA ARG H 152 -10.49 1.23 32.61
C ARG H 152 -11.44 1.75 33.68
N ALA H 153 -11.27 1.25 34.90
CA ALA H 153 -12.12 1.63 36.01
C ALA H 153 -11.92 3.09 36.43
N ASN H 154 -10.68 3.56 36.33
CA ASN H 154 -10.38 4.92 36.70
C ASN H 154 -10.70 5.96 35.64
N LYS H 155 -10.56 5.58 34.37
CA LYS H 155 -10.85 6.53 33.30
C LYS H 155 -12.35 6.82 33.22
#